data_3SUV
#
_entry.id   3SUV
#
_cell.length_a   95.553
_cell.length_b   101.993
_cell.length_c   108.090
_cell.angle_alpha   90.00
_cell.angle_beta   90.00
_cell.angle_gamma   90.00
#
_symmetry.space_group_name_H-M   'C 2 2 21'
#
loop_
_entity.id
_entity.type
_entity.pdbx_description
1 polymer Beta-hexosaminidase
2 non-polymer 'SULFATE ION'
3 non-polymer 2-ACETAMIDO-1,2-DIDEOXYNOJIRMYCIN
4 water water
#
_entity_poly.entity_id   1
_entity_poly.type   'polypeptide(L)'
_entity_poly.pdbx_seq_one_letter_code
;MGSSHHHHHHSSGLVPRGSHMASMMSFIPESASASTSQPSILPKPVSYTVGSGQFVLTKNASIFVAGNNVGETDELFNIG
QALAKKLNASTGYTISVVKSNQPTAGSIYLTTVGGNAALGNEGYDLITTSNQVTLTANKPEGVFRGNQTLLQLLPAGIEK
NTVVSGVQWVIPHSNISDKPEYEYRGLMLDVARHFFTVDEVKRQIDLASQYKINKFHMHLSDDQGWRIEIKSWPDLIEIG
SKGQVGGGPGGYYTQEQFKDIVSYAAERYIEVIPEIDMPGHTNAALASYGELNPDGKRKAMRTDTAVGYSTLMPRAEITY
QFVEDVISELAAISPSPYIHLGGDESNATSAADYDYFFGRVTAIANSYGKKVVGWDPSDTSSGATSDSVLQNWTCSASTG
TAAKAKGMKVIVSPANAYLDMKYYSDSPIGLQWRGFVNTNRAYNWDPTDCIKGANIYGVESTLWTETFVTQDHLDYMLYP
KLLSNAEVGWTARGDRNWDDFKERLIEHTPRLQNKGIKFFADPIV
;
_entity_poly.pdbx_strand_id   A
#
# COMPACT_ATOMS: atom_id res chain seq x y z
N HIS A 7 -33.48 15.51 15.46
CA HIS A 7 -32.08 15.36 15.95
C HIS A 7 -31.12 16.37 15.33
N HIS A 8 -30.05 16.68 16.06
CA HIS A 8 -29.10 17.70 15.65
C HIS A 8 -27.78 17.07 15.22
N HIS A 9 -27.21 17.60 14.14
CA HIS A 9 -25.99 17.06 13.55
C HIS A 9 -25.03 18.19 13.19
N HIS A 10 -23.76 17.84 13.05
CA HIS A 10 -22.75 18.82 12.62
C HIS A 10 -21.55 18.15 11.97
N SER A 11 -20.79 18.92 11.21
CA SER A 11 -19.49 18.51 10.70
C SER A 11 -18.37 19.11 11.55
N SER A 12 -17.16 18.55 11.42
CA SER A 12 -16.01 18.96 12.24
C SER A 12 -15.28 20.18 11.70
N GLY A 13 -14.93 21.09 12.60
CA GLY A 13 -14.03 22.18 12.28
C GLY A 13 -12.68 21.94 12.91
N LEU A 14 -11.77 22.90 12.78
CA LEU A 14 -10.46 22.78 13.43
C LEU A 14 -10.61 22.81 14.95
N VAL A 15 -9.67 22.14 15.61
CA VAL A 15 -9.72 22.03 17.07
C VAL A 15 -9.25 23.34 17.70
N PRO A 16 -10.07 23.91 18.60
CA PRO A 16 -9.59 25.08 19.32
C PRO A 16 -8.26 24.80 20.01
N ARG A 17 -7.32 25.73 19.83
CA ARG A 17 -6.02 25.71 20.51
C ARG A 17 -5.03 24.71 19.92
N GLY A 18 -5.35 24.16 18.75
CA GLY A 18 -4.39 23.37 17.98
C GLY A 18 -4.67 21.88 17.95
N SER A 19 -3.95 21.17 17.10
CA SER A 19 -4.07 19.73 16.99
C SER A 19 -3.88 19.03 18.33
N HIS A 20 -4.73 18.04 18.61
CA HIS A 20 -4.49 17.14 19.74
C HIS A 20 -3.23 16.28 19.53
N MET A 21 -2.80 16.15 18.27
CA MET A 21 -1.60 15.36 17.92
C MET A 21 -0.28 16.09 18.17
N SER A 37 -4.17 -1.42 28.84
CA SER A 37 -5.29 -0.68 29.41
C SER A 37 -5.93 0.31 28.43
N GLN A 38 -5.16 0.84 27.48
CA GLN A 38 -5.73 1.59 26.35
C GLN A 38 -5.20 1.12 24.99
N PRO A 39 -5.76 0.02 24.47
CA PRO A 39 -5.48 -0.43 23.11
C PRO A 39 -5.85 0.64 22.09
N SER A 40 -5.15 0.65 20.96
CA SER A 40 -5.45 1.62 19.92
C SER A 40 -5.51 0.92 18.57
N ILE A 41 -6.63 0.24 18.33
CA ILE A 41 -6.81 -0.54 17.10
C ILE A 41 -7.28 0.29 15.90
N LEU A 42 -6.47 0.26 14.87
CA LEU A 42 -6.72 1.01 13.65
C LEU A 42 -6.15 0.15 12.52
N PRO A 43 -6.99 -0.21 11.52
CA PRO A 43 -8.40 0.12 11.34
C PRO A 43 -9.32 -0.50 12.39
N LYS A 44 -10.49 0.09 12.56
CA LYS A 44 -11.49 -0.43 13.52
C LYS A 44 -11.90 -1.85 13.13
N PRO A 45 -11.82 -2.80 14.07
CA PRO A 45 -12.18 -4.19 13.77
C PRO A 45 -13.69 -4.42 13.80
N VAL A 46 -14.14 -5.54 13.22
CA VAL A 46 -15.56 -5.83 13.16
C VAL A 46 -16.19 -5.86 14.56
N SER A 47 -15.48 -6.45 15.51
CA SER A 47 -15.95 -6.46 16.89
C SER A 47 -14.81 -6.44 17.89
N TYR A 48 -15.04 -5.77 19.01
CA TYR A 48 -14.05 -5.62 20.06
C TYR A 48 -14.78 -5.45 21.38
N THR A 49 -14.61 -6.42 22.28
CA THR A 49 -15.18 -6.33 23.61
C THR A 49 -14.06 -6.50 24.62
N VAL A 50 -14.23 -5.90 25.79
CA VAL A 50 -13.24 -6.00 26.87
C VAL A 50 -13.92 -6.61 28.08
N GLY A 51 -13.20 -7.48 28.78
CA GLY A 51 -13.70 -8.10 30.00
C GLY A 51 -12.77 -7.82 31.15
N SER A 52 -13.09 -8.37 32.33
CA SER A 52 -12.26 -8.16 33.50
C SER A 52 -10.98 -8.97 33.43
N GLY A 53 -9.90 -8.39 33.93
CA GLY A 53 -8.61 -9.06 33.96
C GLY A 53 -7.66 -8.60 32.88
N GLN A 54 -6.45 -9.12 32.93
CA GLN A 54 -5.41 -8.75 31.96
C GLN A 54 -4.32 -9.80 31.85
N PHE A 55 -3.72 -9.86 30.67
CA PHE A 55 -2.59 -10.69 30.37
C PHE A 55 -1.34 -9.83 30.53
N VAL A 56 -0.29 -10.43 31.09
CA VAL A 56 0.97 -9.74 31.21
C VAL A 56 2.02 -10.47 30.39
N LEU A 57 2.66 -9.73 29.47
CA LEU A 57 3.76 -10.27 28.70
C LEU A 57 5.04 -10.12 29.51
N THR A 58 5.67 -11.23 29.86
CA THR A 58 6.89 -11.22 30.68
C THR A 58 8.09 -11.77 29.91
N LYS A 59 9.27 -11.65 30.49
CA LYS A 59 10.50 -12.10 29.84
C LYS A 59 10.53 -13.59 29.52
N ASN A 60 9.64 -14.34 30.17
CA ASN A 60 9.58 -15.78 30.00
C ASN A 60 8.56 -16.25 28.96
N ALA A 61 7.87 -15.31 28.33
CA ALA A 61 6.84 -15.64 27.33
C ALA A 61 7.45 -16.30 26.10
N SER A 62 6.71 -17.28 25.54
CA SER A 62 7.03 -17.83 24.22
C SER A 62 5.82 -17.64 23.31
N ILE A 63 6.09 -17.70 22.01
CA ILE A 63 5.04 -17.73 21.00
C ILE A 63 4.92 -19.17 20.52
N PHE A 64 3.74 -19.74 20.71
CA PHE A 64 3.45 -21.09 20.24
C PHE A 64 2.70 -21.01 18.91
N VAL A 65 3.07 -21.86 17.96
CA VAL A 65 2.38 -21.90 16.66
C VAL A 65 1.92 -23.30 16.28
N ALA A 66 0.74 -23.38 15.67
CA ALA A 66 0.17 -24.67 15.27
C ALA A 66 -0.75 -24.50 14.08
N GLY A 67 -0.40 -25.17 12.99
CA GLY A 67 -1.23 -25.17 11.80
C GLY A 67 -1.87 -26.52 11.55
N ASN A 68 -2.56 -26.65 10.42
CA ASN A 68 -3.30 -27.89 10.12
C ASN A 68 -2.43 -29.01 9.60
N ASN A 69 -1.22 -28.66 9.19
CA ASN A 69 -0.22 -29.62 8.74
C ASN A 69 1.15 -29.03 8.96
N VAL A 70 2.20 -29.83 8.76
CA VAL A 70 3.56 -29.35 9.07
C VAL A 70 3.98 -28.16 8.22
N GLY A 71 3.57 -28.14 6.94
CA GLY A 71 3.90 -27.02 6.06
C GLY A 71 3.28 -25.73 6.55
N GLU A 72 2.02 -25.80 6.99
CA GLU A 72 1.34 -24.61 7.50
C GLU A 72 1.95 -24.17 8.81
N THR A 73 2.29 -25.12 9.68
CA THR A 73 2.96 -24.79 10.93
C THR A 73 4.29 -24.08 10.67
N ASP A 74 5.02 -24.54 9.65
CA ASP A 74 6.29 -23.89 9.29
C ASP A 74 6.09 -22.44 8.86
N GLU A 75 5.03 -22.17 8.09
CA GLU A 75 4.71 -20.79 7.70
C GLU A 75 4.36 -19.95 8.92
N LEU A 76 3.54 -20.51 9.82
CA LEU A 76 3.18 -19.81 11.05
C LEU A 76 4.39 -19.51 11.92
N PHE A 77 5.35 -20.44 11.92
CA PHE A 77 6.60 -20.26 12.65
C PHE A 77 7.32 -19.00 12.20
N ASN A 78 7.38 -18.80 10.88
CA ASN A 78 8.00 -17.57 10.33
C ASN A 78 7.27 -16.31 10.77
N ILE A 79 5.94 -16.35 10.74
CA ILE A 79 5.12 -15.23 11.20
C ILE A 79 5.42 -14.98 12.68
N GLY A 80 5.46 -16.06 13.45
CA GLY A 80 5.80 -16.02 14.86
C GLY A 80 7.13 -15.34 15.14
N GLN A 81 8.15 -15.65 14.35
CA GLN A 81 9.46 -15.06 14.52
C GLN A 81 9.44 -13.57 14.22
N ALA A 82 8.65 -13.19 13.21
CA ALA A 82 8.48 -11.78 12.84
C ALA A 82 7.86 -11.01 14.01
N LEU A 83 6.87 -11.61 14.65
CA LEU A 83 6.22 -11.01 15.81
C LEU A 83 7.20 -10.90 16.97
N ALA A 84 7.93 -11.99 17.23
CA ALA A 84 8.92 -12.03 18.31
C ALA A 84 9.95 -10.92 18.17
N LYS A 85 10.43 -10.73 16.95
CA LYS A 85 11.41 -9.67 16.66
C LYS A 85 10.86 -8.30 17.08
N LYS A 86 9.61 -8.02 16.71
CA LYS A 86 8.99 -6.72 17.03
C LYS A 86 8.82 -6.54 18.53
N LEU A 87 8.33 -7.60 19.19
CA LEU A 87 8.12 -7.57 20.64
C LEU A 87 9.43 -7.43 21.39
N ASN A 88 10.47 -8.11 20.91
CA ASN A 88 11.77 -8.09 21.54
C ASN A 88 12.44 -6.72 21.47
N ALA A 89 12.17 -5.97 20.41
CA ALA A 89 12.87 -4.70 20.18
C ALA A 89 12.51 -3.67 21.25
N SER A 90 11.26 -3.69 21.71
CA SER A 90 10.76 -2.72 22.69
C SER A 90 10.80 -3.25 24.12
N THR A 91 10.57 -4.56 24.30
CA THR A 91 10.55 -5.11 25.65
C THR A 91 11.96 -5.39 26.15
N GLY A 92 12.87 -5.64 25.21
CA GLY A 92 14.21 -6.10 25.54
C GLY A 92 14.25 -7.57 25.87
N TYR A 93 13.13 -8.26 25.68
CA TYR A 93 13.07 -9.71 25.93
C TYR A 93 13.69 -10.47 24.78
N THR A 94 13.79 -11.79 24.95
CA THR A 94 14.18 -12.69 23.87
C THR A 94 13.12 -13.79 23.74
N ILE A 95 11.93 -13.35 23.41
CA ILE A 95 10.81 -14.26 23.14
C ILE A 95 11.16 -15.12 21.92
N SER A 96 11.02 -16.42 22.10
CA SER A 96 11.27 -17.36 21.02
C SER A 96 9.97 -18.08 20.67
N VAL A 97 10.04 -18.82 19.57
CA VAL A 97 8.87 -19.42 18.94
C VAL A 97 8.99 -20.94 18.98
N VAL A 98 7.88 -21.59 19.31
CA VAL A 98 7.82 -23.03 19.53
C VAL A 98 6.72 -23.62 18.64
N LYS A 99 7.04 -24.68 17.93
CA LYS A 99 6.04 -25.42 17.16
C LYS A 99 5.36 -26.42 18.09
N SER A 100 4.22 -26.01 18.63
CA SER A 100 3.44 -26.82 19.56
C SER A 100 2.04 -26.26 19.69
N ASN A 101 1.06 -27.16 19.86
CA ASN A 101 -0.31 -26.76 20.16
C ASN A 101 -0.62 -26.85 21.66
N GLN A 102 0.42 -26.83 22.49
CA GLN A 102 0.25 -26.91 23.94
C GLN A 102 0.85 -25.68 24.63
N PRO A 103 0.31 -24.49 24.34
CA PRO A 103 0.84 -23.28 24.96
C PRO A 103 0.71 -23.32 26.47
N THR A 104 1.69 -22.69 27.08
CA THR A 104 1.95 -22.66 28.48
C THR A 104 1.34 -21.33 29.00
N ALA A 105 1.02 -21.23 30.30
CA ALA A 105 0.53 -19.96 30.86
C ALA A 105 1.52 -18.82 30.57
N GLY A 106 1.01 -17.69 30.09
CA GLY A 106 1.84 -16.54 29.74
C GLY A 106 2.24 -16.50 28.27
N SER A 107 1.74 -17.46 27.50
CA SER A 107 2.11 -17.61 26.09
C SER A 107 1.22 -16.78 25.15
N ILE A 108 1.77 -16.49 23.98
CA ILE A 108 0.98 -16.08 22.82
C ILE A 108 0.85 -17.31 21.93
N TYR A 109 -0.36 -17.57 21.43
CA TYR A 109 -0.64 -18.77 20.65
C TYR A 109 -1.25 -18.37 19.32
N LEU A 110 -0.58 -18.78 18.24
CA LEU A 110 -1.03 -18.47 16.88
C LEU A 110 -1.42 -19.77 16.22
N THR A 111 -2.66 -19.85 15.76
CA THR A 111 -3.14 -21.08 15.15
C THR A 111 -4.11 -20.87 14.01
N THR A 112 -4.10 -21.81 13.07
CA THR A 112 -5.07 -21.85 11.99
C THR A 112 -6.01 -23.04 12.13
N VAL A 113 -5.91 -23.75 13.26
CA VAL A 113 -6.76 -24.93 13.48
C VAL A 113 -8.14 -24.51 13.96
N GLY A 114 -9.15 -24.71 13.12
CA GLY A 114 -10.52 -24.38 13.47
C GLY A 114 -10.95 -22.96 13.20
N GLY A 115 -10.23 -22.26 12.31
CA GLY A 115 -10.60 -20.92 11.89
C GLY A 115 -12.05 -20.78 11.47
N ASN A 116 -12.62 -19.61 11.74
CA ASN A 116 -13.99 -19.32 11.31
C ASN A 116 -13.97 -18.92 9.84
N ALA A 117 -14.44 -19.82 8.98
CA ALA A 117 -14.38 -19.63 7.52
C ALA A 117 -15.05 -18.35 7.03
N ALA A 118 -16.07 -17.90 7.77
CA ALA A 118 -16.80 -16.70 7.39
C ALA A 118 -15.89 -15.45 7.42
N LEU A 119 -14.77 -15.55 8.14
CA LEU A 119 -13.84 -14.42 8.23
C LEU A 119 -12.86 -14.34 7.05
N GLY A 120 -12.88 -15.36 6.18
CA GLY A 120 -12.03 -15.39 4.97
C GLY A 120 -10.53 -15.44 5.20
N ASN A 121 -9.77 -15.24 4.13
CA ASN A 121 -8.33 -15.40 4.17
C ASN A 121 -7.60 -14.46 5.11
N GLU A 122 -8.11 -13.24 5.23
CA GLU A 122 -7.43 -12.21 6.01
C GLU A 122 -8.02 -12.02 7.40
N GLY A 123 -9.12 -12.73 7.70
CA GLY A 123 -9.83 -12.57 8.97
C GLY A 123 -9.26 -13.40 10.09
N TYR A 124 -9.67 -13.07 11.32
CA TYR A 124 -9.12 -13.73 12.49
C TYR A 124 -9.99 -13.45 13.72
N ASP A 125 -9.88 -14.32 14.71
CA ASP A 125 -10.34 -14.07 16.06
C ASP A 125 -9.12 -13.88 16.94
N LEU A 126 -9.21 -12.94 17.89
CA LEU A 126 -8.08 -12.68 18.78
C LEU A 126 -8.65 -12.53 20.18
N ILE A 127 -8.40 -13.53 21.01
CA ILE A 127 -8.97 -13.59 22.34
C ILE A 127 -7.86 -13.61 23.36
N THR A 128 -7.90 -12.64 24.27
CA THR A 128 -6.89 -12.52 25.32
C THR A 128 -7.52 -12.80 26.66
N THR A 129 -6.92 -13.73 27.38
CA THR A 129 -7.32 -14.07 28.75
C THR A 129 -6.13 -13.76 29.66
N SER A 130 -6.32 -13.87 30.98
CA SER A 130 -5.23 -13.64 31.92
C SER A 130 -4.02 -14.53 31.64
N ASN A 131 -4.25 -15.78 31.23
CA ASN A 131 -3.16 -16.72 31.01
C ASN A 131 -2.63 -16.82 29.58
N GLN A 132 -3.38 -16.34 28.58
CA GLN A 132 -3.01 -16.62 27.20
C GLN A 132 -3.60 -15.65 26.18
N VAL A 133 -2.80 -15.33 25.18
CA VAL A 133 -3.28 -14.64 23.99
C VAL A 133 -3.44 -15.70 22.91
N THR A 134 -4.64 -15.79 22.32
CA THR A 134 -4.88 -16.77 21.28
C THR A 134 -5.43 -16.11 20.02
N LEU A 135 -4.69 -16.25 18.92
CA LEU A 135 -5.10 -15.75 17.61
C LEU A 135 -5.46 -16.95 16.76
N THR A 136 -6.72 -17.02 16.34
CA THR A 136 -7.22 -18.14 15.52
C THR A 136 -7.66 -17.60 14.17
N ALA A 137 -7.02 -18.09 13.12
CA ALA A 137 -7.33 -17.61 11.76
C ALA A 137 -7.58 -18.79 10.82
N ASN A 138 -8.04 -18.50 9.60
CA ASN A 138 -8.21 -19.51 8.57
C ASN A 138 -6.91 -19.82 7.84
N LYS A 139 -6.09 -18.80 7.68
CA LYS A 139 -4.87 -18.89 6.90
C LYS A 139 -3.76 -18.13 7.59
N PRO A 140 -2.50 -18.51 7.30
CA PRO A 140 -1.36 -17.72 7.78
C PRO A 140 -1.50 -16.22 7.55
N GLU A 141 -1.99 -15.83 6.37
CA GLU A 141 -2.22 -14.42 6.06
C GLU A 141 -3.04 -13.73 7.16
N GLY A 142 -4.10 -14.40 7.62
CA GLY A 142 -4.98 -13.85 8.66
C GLY A 142 -4.27 -13.76 10.01
N VAL A 143 -3.37 -14.69 10.28
CA VAL A 143 -2.53 -14.59 11.47
C VAL A 143 -1.65 -13.35 11.41
N PHE A 144 -1.05 -13.12 10.24
CA PHE A 144 -0.25 -11.91 10.07
C PHE A 144 -1.08 -10.63 10.29
N ARG A 145 -2.25 -10.56 9.67
CA ARG A 145 -3.09 -9.36 9.87
C ARG A 145 -3.47 -9.20 11.34
N GLY A 146 -3.89 -10.30 11.97
CA GLY A 146 -4.26 -10.28 13.39
C GLY A 146 -3.11 -9.84 14.29
N ASN A 147 -1.88 -10.20 13.92
CA ASN A 147 -0.71 -9.75 14.69
C ASN A 147 -0.55 -8.23 14.69
N GLN A 148 -1.09 -7.58 13.66
CA GLN A 148 -1.05 -6.11 13.60
C GLN A 148 -1.98 -5.52 14.66
N THR A 149 -3.10 -6.20 14.90
CA THR A 149 -4.01 -5.83 15.96
C THR A 149 -3.38 -6.12 17.33
N LEU A 150 -2.71 -7.27 17.45
CA LEU A 150 -2.10 -7.66 18.72
C LEU A 150 -1.13 -6.58 19.19
N LEU A 151 -0.35 -6.05 18.26
CA LEU A 151 0.61 -4.99 18.60
C LEU A 151 -0.07 -3.75 19.11
N GLN A 152 -1.30 -3.52 18.64
CA GLN A 152 -2.06 -2.35 19.05
C GLN A 152 -2.82 -2.56 20.36
N LEU A 153 -2.88 -3.81 20.83
CA LEU A 153 -3.50 -4.12 22.12
C LEU A 153 -2.55 -3.90 23.28
N LEU A 154 -1.26 -4.09 23.01
CA LEU A 154 -0.20 -3.82 23.99
C LEU A 154 -0.04 -2.32 24.18
N PRO A 155 0.56 -1.89 25.31
CA PRO A 155 0.67 -0.46 25.61
C PRO A 155 1.52 0.28 24.59
N ALA A 156 1.20 1.56 24.40
CA ALA A 156 2.08 2.44 23.67
C ALA A 156 3.47 2.31 24.32
N GLY A 157 4.46 2.16 23.46
CA GLY A 157 5.81 1.87 23.88
C GLY A 157 6.24 0.59 23.19
N ILE A 158 5.29 -0.33 22.99
CA ILE A 158 5.59 -1.60 22.36
C ILE A 158 6.11 -1.43 20.91
N GLU A 159 5.74 -0.32 20.28
CA GLU A 159 6.14 -0.10 18.89
C GLU A 159 7.43 0.68 18.76
N LYS A 160 8.10 0.91 19.89
CA LYS A 160 9.44 1.48 19.86
C LYS A 160 10.43 0.51 19.24
N ASN A 161 11.48 1.04 18.61
CA ASN A 161 12.52 0.21 18.04
C ASN A 161 13.70 0.01 19.00
N THR A 162 13.62 0.64 20.17
CA THR A 162 14.60 0.47 21.24
C THR A 162 13.87 0.10 22.52
N VAL A 163 14.61 -0.45 23.49
CA VAL A 163 14.00 -0.95 24.72
C VAL A 163 13.35 0.15 25.56
N VAL A 164 12.10 -0.11 25.97
CA VAL A 164 11.33 0.81 26.79
C VAL A 164 11.25 0.27 28.21
N SER A 165 11.65 1.10 29.17
CA SER A 165 11.59 0.73 30.59
C SER A 165 10.40 1.40 31.27
N GLY A 166 9.99 0.83 32.40
CA GLY A 166 8.94 1.42 33.23
C GLY A 166 7.52 1.27 32.71
N VAL A 167 7.33 0.39 31.73
CA VAL A 167 5.99 0.13 31.20
C VAL A 167 5.65 -1.33 31.41
N GLN A 168 4.57 -1.60 32.12
CA GLN A 168 4.12 -2.97 32.30
C GLN A 168 3.46 -3.41 30.99
N TRP A 169 3.88 -4.55 30.48
CA TRP A 169 3.44 -4.97 29.15
C TRP A 169 2.15 -5.77 29.25
N VAL A 170 1.04 -5.06 29.39
CA VAL A 170 -0.26 -5.68 29.65
C VAL A 170 -1.19 -5.63 28.44
N ILE A 171 -2.11 -6.60 28.38
CA ILE A 171 -3.17 -6.63 27.39
C ILE A 171 -4.49 -6.88 28.15
N PRO A 172 -5.53 -6.08 27.91
CA PRO A 172 -6.77 -6.31 28.66
C PRO A 172 -7.39 -7.62 28.18
N HIS A 173 -8.03 -8.34 29.10
CA HIS A 173 -8.92 -9.43 28.67
C HIS A 173 -9.86 -8.88 27.61
N SER A 174 -9.88 -9.52 26.46
CA SER A 174 -10.62 -8.96 25.32
C SER A 174 -10.93 -10.00 24.27
N ASN A 175 -11.89 -9.66 23.41
CA ASN A 175 -12.36 -10.55 22.35
C ASN A 175 -12.57 -9.74 21.08
N ILE A 176 -11.79 -10.07 20.07
CA ILE A 176 -11.87 -9.39 18.78
C ILE A 176 -12.17 -10.40 17.69
N SER A 177 -13.10 -10.04 16.81
CA SER A 177 -13.26 -10.78 15.55
C SER A 177 -13.11 -9.75 14.45
N ASP A 178 -12.56 -10.16 13.32
CA ASP A 178 -12.22 -9.18 12.29
C ASP A 178 -12.06 -9.81 10.93
N LYS A 179 -12.34 -9.00 9.91
CA LYS A 179 -12.14 -9.36 8.50
C LYS A 179 -12.26 -8.05 7.71
N PRO A 180 -11.64 -7.99 6.52
CA PRO A 180 -11.72 -6.77 5.72
C PRO A 180 -13.00 -6.63 4.89
N GLU A 181 -13.39 -5.38 4.65
CA GLU A 181 -14.51 -5.09 3.74
C GLU A 181 -14.09 -5.26 2.26
N TYR A 182 -12.92 -4.72 1.93
CA TYR A 182 -12.37 -4.81 0.56
C TYR A 182 -11.12 -5.67 0.50
N GLU A 183 -10.98 -6.41 -0.61
CA GLU A 183 -9.85 -7.31 -0.84
C GLU A 183 -8.54 -6.57 -1.14
N TYR A 184 -8.66 -5.46 -1.86
CA TYR A 184 -7.50 -4.68 -2.29
C TYR A 184 -7.41 -3.39 -1.47
N ARG A 185 -6.37 -3.27 -0.66
CA ARG A 185 -6.18 -2.07 0.14
C ARG A 185 -4.73 -1.65 -0.02
N GLY A 186 -4.48 -0.74 -0.97
CA GLY A 186 -3.11 -0.49 -1.42
C GLY A 186 -2.51 0.88 -1.21
N LEU A 187 -1.19 0.91 -1.38
CA LEU A 187 -0.42 2.16 -1.39
C LEU A 187 0.45 2.14 -2.62
N MET A 188 0.43 3.25 -3.37
CA MET A 188 1.36 3.48 -4.48
C MET A 188 2.41 4.49 -4.06
N LEU A 189 3.67 4.17 -4.33
CA LEU A 189 4.74 5.15 -4.20
C LEU A 189 5.31 5.46 -5.58
N ASP A 190 5.37 6.76 -5.87
CA ASP A 190 6.03 7.28 -7.07
C ASP A 190 7.52 7.41 -6.77
N VAL A 191 8.33 6.53 -7.38
CA VAL A 191 9.79 6.60 -7.22
C VAL A 191 10.46 7.17 -8.47
N ALA A 192 9.64 7.63 -9.41
CA ALA A 192 10.16 8.23 -10.64
C ALA A 192 10.43 9.73 -10.48
N ARG A 193 9.48 10.46 -9.88
CA ARG A 193 9.62 11.92 -9.74
C ARG A 193 10.75 12.28 -8.79
N HIS A 194 10.81 11.56 -7.67
CA HIS A 194 12.00 11.54 -6.83
C HIS A 194 12.29 10.10 -6.45
N PHE A 195 13.57 9.75 -6.42
CA PHE A 195 13.98 8.40 -6.09
C PHE A 195 14.06 8.19 -4.58
N PHE A 196 13.66 7.00 -4.16
CA PHE A 196 13.78 6.57 -2.77
C PHE A 196 14.49 5.23 -2.69
N THR A 197 15.36 5.08 -1.70
CA THR A 197 16.25 3.93 -1.60
C THR A 197 15.49 2.67 -1.24
N VAL A 198 16.12 1.52 -1.46
CA VAL A 198 15.52 0.26 -1.06
C VAL A 198 15.12 0.30 0.42
N ASP A 199 16.00 0.83 1.28
CA ASP A 199 15.69 0.95 2.71
C ASP A 199 14.46 1.82 2.98
N GLU A 200 14.36 2.93 2.24
CA GLU A 200 13.23 3.85 2.41
C GLU A 200 11.91 3.22 1.97
N VAL A 201 11.97 2.46 0.88
CA VAL A 201 10.82 1.75 0.34
C VAL A 201 10.38 0.63 1.29
N LYS A 202 11.33 -0.18 1.75
CA LYS A 202 11.03 -1.21 2.76
C LYS A 202 10.38 -0.60 3.99
N ARG A 203 10.89 0.54 4.46
CA ARG A 203 10.29 1.17 5.64
C ARG A 203 8.84 1.56 5.37
N GLN A 204 8.55 2.15 4.21
CA GLN A 204 7.15 2.53 3.96
C GLN A 204 6.24 1.30 3.86
N ILE A 205 6.76 0.22 3.28
CA ILE A 205 6.03 -1.05 3.21
C ILE A 205 5.75 -1.57 4.61
N ASP A 206 6.79 -1.59 5.45
CA ASP A 206 6.66 -2.04 6.83
C ASP A 206 5.61 -1.24 7.61
N LEU A 207 5.72 0.09 7.57
CA LEU A 207 4.79 0.95 8.29
C LEU A 207 3.37 0.71 7.81
N ALA A 208 3.18 0.69 6.48
CA ALA A 208 1.85 0.47 5.93
C ALA A 208 1.27 -0.87 6.36
N SER A 209 2.12 -1.90 6.45
CA SER A 209 1.65 -3.25 6.78
C SER A 209 0.99 -3.28 8.17
N GLN A 210 1.43 -2.38 9.04
CA GLN A 210 0.94 -2.32 10.42
C GLN A 210 -0.52 -1.84 10.49
N TYR A 211 -1.00 -1.28 9.39
CA TYR A 211 -2.36 -0.77 9.27
C TYR A 211 -3.18 -1.59 8.29
N LYS A 212 -2.70 -2.82 8.04
CA LYS A 212 -3.40 -3.81 7.23
C LYS A 212 -3.49 -3.47 5.74
N ILE A 213 -2.66 -2.52 5.29
CA ILE A 213 -2.44 -2.34 3.86
C ILE A 213 -1.82 -3.64 3.32
N ASN A 214 -2.37 -4.14 2.22
CA ASN A 214 -1.95 -5.45 1.71
C ASN A 214 -1.45 -5.46 0.26
N LYS A 215 -1.32 -4.28 -0.34
CA LYS A 215 -0.85 -4.15 -1.72
C LYS A 215 0.07 -2.95 -1.81
N PHE A 216 1.15 -3.10 -2.58
CA PHE A 216 2.09 -2.00 -2.80
C PHE A 216 2.37 -1.88 -4.28
N HIS A 217 1.96 -0.75 -4.86
CA HIS A 217 2.09 -0.45 -6.29
C HIS A 217 3.30 0.47 -6.45
N MET A 218 4.31 0.02 -7.22
CA MET A 218 5.50 0.86 -7.47
C MET A 218 5.41 1.53 -8.82
N HIS A 219 5.42 2.85 -8.83
CA HIS A 219 5.38 3.61 -10.07
C HIS A 219 6.84 3.81 -10.45
N LEU A 220 7.34 2.89 -11.28
CA LEU A 220 8.77 2.72 -11.52
C LEU A 220 9.32 3.55 -12.66
N SER A 221 8.45 4.21 -13.41
CA SER A 221 8.91 4.96 -14.58
C SER A 221 7.97 6.10 -14.86
N ASP A 222 8.53 7.23 -15.30
CA ASP A 222 7.73 8.37 -15.71
C ASP A 222 8.59 9.25 -16.60
N ASP A 223 8.22 10.52 -16.73
CA ASP A 223 8.97 11.40 -17.62
C ASP A 223 10.37 11.73 -17.09
N GLN A 224 10.50 11.79 -15.77
CA GLN A 224 11.72 12.33 -15.14
C GLN A 224 12.73 11.25 -14.74
N GLY A 225 12.33 9.99 -14.85
CA GLY A 225 13.24 8.90 -14.51
C GLY A 225 12.69 7.51 -14.77
N TRP A 226 13.61 6.58 -15.01
CA TRP A 226 13.32 5.15 -15.17
C TRP A 226 14.07 4.41 -14.07
N ARG A 227 13.36 3.60 -13.29
CA ARG A 227 13.92 3.08 -12.03
C ARG A 227 14.17 1.58 -11.92
N ILE A 228 13.95 0.83 -13.01
CA ILE A 228 14.17 -0.61 -12.95
C ILE A 228 15.16 -1.09 -14.02
N GLU A 229 16.19 -1.82 -13.59
CA GLU A 229 17.16 -2.41 -14.52
C GLU A 229 16.47 -3.31 -15.55
N ILE A 230 16.69 -3.02 -16.83
CA ILE A 230 16.24 -3.89 -17.94
C ILE A 230 17.51 -4.23 -18.73
N LYS A 231 17.97 -5.47 -18.58
CA LYS A 231 19.27 -5.89 -19.09
C LYS A 231 19.37 -5.77 -20.62
N SER A 232 18.26 -6.00 -21.32
CA SER A 232 18.25 -5.93 -22.78
C SER A 232 18.26 -4.49 -23.33
N TRP A 233 17.97 -3.52 -22.47
CA TRP A 233 17.96 -2.09 -22.84
C TRP A 233 18.69 -1.29 -21.75
N PRO A 234 20.02 -1.51 -21.64
CA PRO A 234 20.77 -0.99 -20.49
C PRO A 234 20.81 0.54 -20.33
N ASP A 235 20.59 1.28 -21.41
CA ASP A 235 20.58 2.74 -21.30
C ASP A 235 19.35 3.31 -20.58
N LEU A 236 18.33 2.48 -20.34
CA LEU A 236 17.23 2.91 -19.49
C LEU A 236 17.74 3.32 -18.11
N ILE A 237 18.76 2.62 -17.63
CA ILE A 237 19.45 2.99 -16.40
C ILE A 237 20.63 3.93 -16.65
N GLU A 238 21.48 3.60 -17.61
CA GLU A 238 22.69 4.39 -17.82
C GLU A 238 22.41 5.85 -18.19
N ILE A 239 21.29 6.07 -18.85
CA ILE A 239 20.83 7.42 -19.20
C ILE A 239 19.56 7.77 -18.44
N GLY A 240 18.57 6.88 -18.51
CA GLY A 240 17.23 7.20 -18.03
C GLY A 240 17.03 7.30 -16.53
N SER A 241 17.98 6.81 -15.74
CA SER A 241 17.85 6.82 -14.28
C SER A 241 18.61 7.97 -13.63
N LYS A 242 19.37 8.72 -14.42
CA LYS A 242 20.36 9.66 -13.89
C LYS A 242 19.84 11.03 -13.41
N GLY A 243 18.52 11.19 -13.34
CA GLY A 243 17.93 12.43 -12.88
C GLY A 243 16.63 12.19 -12.17
N GLN A 244 15.93 13.29 -11.88
CA GLN A 244 14.63 13.28 -11.24
C GLN A 244 14.09 14.71 -11.31
N VAL A 245 12.91 14.95 -10.74
CA VAL A 245 12.40 16.32 -10.64
C VAL A 245 13.42 17.18 -9.88
N GLY A 246 13.74 18.35 -10.44
CA GLY A 246 14.65 19.28 -9.79
C GLY A 246 16.14 18.97 -9.92
N GLY A 247 16.52 18.07 -10.81
CA GLY A 247 17.95 17.85 -11.09
C GLY A 247 18.82 17.21 -10.01
N GLY A 248 18.21 16.45 -9.09
CA GLY A 248 18.98 15.58 -8.19
C GLY A 248 19.59 14.42 -8.96
N PRO A 249 20.35 13.53 -8.26
CA PRO A 249 21.04 12.48 -9.03
C PRO A 249 20.15 11.33 -9.50
N GLY A 250 18.96 11.18 -8.93
CA GLY A 250 18.09 10.06 -9.28
C GLY A 250 18.54 8.76 -8.63
N GLY A 251 18.55 7.68 -9.40
CA GLY A 251 18.87 6.35 -8.87
C GLY A 251 18.01 5.30 -9.54
N TYR A 252 18.22 4.05 -9.16
CA TYR A 252 17.44 2.94 -9.70
C TYR A 252 17.56 1.70 -8.84
N TYR A 253 16.69 0.73 -9.11
CA TYR A 253 16.81 -0.59 -8.51
C TYR A 253 17.35 -1.58 -9.52
N THR A 254 18.38 -2.33 -9.13
CA THR A 254 18.77 -3.50 -9.92
C THR A 254 17.63 -4.53 -9.82
N GLN A 255 17.63 -5.52 -10.71
CA GLN A 255 16.66 -6.59 -10.60
C GLN A 255 16.77 -7.34 -9.27
N GLU A 256 17.99 -7.49 -8.75
CA GLU A 256 18.17 -8.11 -7.43
C GLU A 256 17.53 -7.28 -6.33
N GLN A 257 17.70 -5.96 -6.40
CA GLN A 257 17.07 -5.07 -5.42
C GLN A 257 15.55 -5.12 -5.49
N PHE A 258 15.00 -5.16 -6.71
CA PHE A 258 13.56 -5.30 -6.86
C PHE A 258 13.07 -6.62 -6.26
N LYS A 259 13.80 -7.70 -6.52
CA LYS A 259 13.43 -8.99 -5.93
C LYS A 259 13.46 -8.96 -4.42
N ASP A 260 14.40 -8.19 -3.86
CA ASP A 260 14.53 -8.04 -2.42
C ASP A 260 13.30 -7.30 -1.84
N ILE A 261 12.89 -6.23 -2.52
CA ILE A 261 11.66 -5.53 -2.12
C ILE A 261 10.45 -6.48 -2.16
N VAL A 262 10.33 -7.26 -3.24
CA VAL A 262 9.22 -8.22 -3.37
C VAL A 262 9.22 -9.20 -2.20
N SER A 263 10.40 -9.73 -1.87
CA SER A 263 10.53 -10.71 -0.80
C SER A 263 10.15 -10.09 0.54
N TYR A 264 10.62 -8.86 0.78
CA TYR A 264 10.32 -8.15 2.01
C TYR A 264 8.81 -7.95 2.15
N ALA A 265 8.16 -7.53 1.06
CA ALA A 265 6.72 -7.36 1.05
C ALA A 265 5.99 -8.69 1.28
N ALA A 266 6.52 -9.77 0.69
CA ALA A 266 5.88 -11.08 0.81
C ALA A 266 5.83 -11.57 2.26
N GLU A 267 6.85 -11.21 3.05
CA GLU A 267 6.87 -11.56 4.48
C GLU A 267 5.74 -10.89 5.25
N ARG A 268 5.19 -9.82 4.67
CA ARG A 268 4.08 -9.05 5.24
C ARG A 268 2.78 -9.32 4.48
N TYR A 269 2.79 -10.36 3.65
CA TYR A 269 1.61 -10.73 2.85
C TYR A 269 1.13 -9.54 2.02
N ILE A 270 2.11 -8.81 1.47
CA ILE A 270 1.84 -7.68 0.59
C ILE A 270 2.26 -8.03 -0.83
N GLU A 271 1.31 -7.92 -1.75
CA GLU A 271 1.54 -8.11 -3.19
C GLU A 271 2.15 -6.85 -3.75
N VAL A 272 3.23 -6.99 -4.52
CA VAL A 272 3.87 -5.85 -5.18
C VAL A 272 3.46 -5.83 -6.64
N ILE A 273 2.83 -4.73 -7.05
CA ILE A 273 2.44 -4.56 -8.43
C ILE A 273 3.32 -3.48 -9.06
N PRO A 274 4.21 -3.88 -9.99
CA PRO A 274 5.10 -2.91 -10.63
C PRO A 274 4.37 -2.20 -11.77
N GLU A 275 4.63 -0.90 -11.94
CA GLU A 275 4.05 -0.16 -13.05
C GLU A 275 5.13 0.37 -13.99
N ILE A 276 4.98 0.04 -15.28
CA ILE A 276 5.71 0.73 -16.34
C ILE A 276 4.67 1.53 -17.12
N ASP A 277 4.66 2.84 -16.92
CA ASP A 277 3.60 3.68 -17.49
C ASP A 277 3.79 3.81 -19.01
N MET A 278 2.72 3.57 -19.75
CA MET A 278 2.74 3.65 -21.22
C MET A 278 1.31 3.88 -21.73
N PRO A 279 1.17 4.50 -22.93
CA PRO A 279 2.20 5.04 -23.83
C PRO A 279 2.68 6.45 -23.44
N GLY A 280 1.96 7.09 -22.52
CA GLY A 280 2.34 8.41 -21.99
C GLY A 280 3.26 8.30 -20.78
N HIS A 281 3.71 9.45 -20.28
CA HIS A 281 4.62 9.47 -19.13
C HIS A 281 5.88 8.65 -19.38
N THR A 282 6.39 8.76 -20.60
CA THR A 282 7.48 7.91 -21.08
C THR A 282 8.74 8.67 -21.47
N ASN A 283 8.86 9.94 -21.07
CA ASN A 283 10.05 10.69 -21.50
C ASN A 283 11.38 10.05 -21.13
N ALA A 284 11.47 9.41 -19.95
CA ALA A 284 12.76 8.83 -19.56
C ALA A 284 13.21 7.75 -20.54
N ALA A 285 12.27 6.91 -20.99
CA ALA A 285 12.60 5.90 -22.01
C ALA A 285 13.03 6.58 -23.31
N LEU A 286 12.29 7.63 -23.68
CA LEU A 286 12.52 8.37 -24.93
C LEU A 286 13.84 9.12 -24.91
N ALA A 287 14.31 9.46 -23.70
CA ALA A 287 15.60 10.14 -23.52
C ALA A 287 16.76 9.15 -23.51
N SER A 288 16.44 7.87 -23.38
CA SER A 288 17.44 6.81 -23.28
C SER A 288 17.76 6.19 -24.63
N TYR A 289 16.74 6.03 -25.46
CA TYR A 289 16.87 5.40 -26.76
C TYR A 289 16.26 6.24 -27.89
N GLY A 290 17.13 6.76 -28.75
CA GLY A 290 16.68 7.59 -29.86
C GLY A 290 15.73 6.85 -30.78
N GLU A 291 15.94 5.55 -30.96
CA GLU A 291 15.09 4.76 -31.86
C GLU A 291 13.63 4.66 -31.41
N LEU A 292 13.35 5.05 -30.17
CA LEU A 292 11.96 5.09 -29.72
C LEU A 292 11.21 6.35 -30.15
N ASN A 293 11.93 7.26 -30.82
CA ASN A 293 11.37 8.54 -31.27
C ASN A 293 11.30 8.61 -32.79
N PRO A 294 10.27 9.30 -33.34
CA PRO A 294 10.14 9.40 -34.80
C PRO A 294 11.38 9.92 -35.54
N ASP A 295 12.10 10.87 -34.95
CA ASP A 295 13.30 11.40 -35.61
C ASP A 295 14.60 10.64 -35.26
N GLY A 296 14.46 9.55 -34.51
CA GLY A 296 15.62 8.73 -34.15
C GLY A 296 16.59 9.32 -33.13
N LYS A 297 16.26 10.50 -32.61
CA LYS A 297 17.13 11.20 -31.65
C LYS A 297 16.61 11.05 -30.23
N ARG A 298 17.52 10.95 -29.26
CA ARG A 298 17.12 10.92 -27.85
C ARG A 298 16.48 12.24 -27.47
N LYS A 299 15.42 12.18 -26.66
CA LYS A 299 14.86 13.37 -26.05
C LYS A 299 15.83 13.87 -24.98
N ALA A 300 15.85 15.18 -24.73
CA ALA A 300 16.54 15.69 -23.57
C ALA A 300 15.80 15.17 -22.33
N MET A 301 16.54 14.88 -21.27
CA MET A 301 15.92 14.51 -19.99
C MET A 301 15.12 15.69 -19.45
N ARG A 302 14.03 15.38 -18.74
CA ARG A 302 13.13 16.39 -18.20
C ARG A 302 13.19 16.37 -16.68
N THR A 303 13.32 17.55 -16.08
CA THR A 303 13.40 17.68 -14.62
C THR A 303 12.28 18.57 -14.07
N ASP A 304 11.37 18.97 -14.94
CA ASP A 304 10.21 19.76 -14.57
C ASP A 304 9.05 18.83 -14.15
N THR A 305 7.89 19.41 -13.91
CA THR A 305 6.72 18.64 -13.45
C THR A 305 5.56 18.61 -14.46
N ALA A 306 5.81 19.08 -15.68
CA ALA A 306 4.79 19.04 -16.73
C ALA A 306 4.40 17.60 -17.03
N VAL A 307 3.18 17.43 -17.53
CA VAL A 307 2.68 16.10 -17.91
C VAL A 307 1.99 16.14 -19.27
N GLY A 308 1.79 14.97 -19.85
CA GLY A 308 0.89 14.82 -20.99
C GLY A 308 1.53 14.88 -22.37
N TYR A 309 2.80 15.28 -22.42
CA TYR A 309 3.46 15.62 -23.68
C TYR A 309 4.18 14.47 -24.35
N SER A 310 4.44 13.40 -23.59
CA SER A 310 5.28 12.32 -24.08
C SER A 310 4.46 11.16 -24.61
N THR A 311 4.98 10.50 -25.64
CA THR A 311 4.32 9.30 -26.16
C THR A 311 5.31 8.37 -26.83
N LEU A 312 5.10 7.06 -26.65
CA LEU A 312 5.75 6.06 -27.49
C LEU A 312 5.12 6.15 -28.89
N MET A 313 5.81 5.60 -29.90
CA MET A 313 5.30 5.60 -31.27
C MET A 313 4.30 4.46 -31.39
N PRO A 314 3.00 4.78 -31.51
CA PRO A 314 2.02 3.69 -31.44
C PRO A 314 1.97 2.76 -32.66
N ARG A 315 2.55 3.17 -33.78
CA ARG A 315 2.46 2.41 -35.03
C ARG A 315 3.83 1.92 -35.53
N ALA A 316 4.80 1.88 -34.63
CA ALA A 316 6.14 1.37 -34.98
C ALA A 316 6.38 0.07 -34.23
N GLU A 317 6.82 -0.96 -34.96
CA GLU A 317 7.07 -2.25 -34.31
C GLU A 317 8.16 -2.21 -33.24
N ILE A 318 9.14 -1.31 -33.39
CA ILE A 318 10.18 -1.20 -32.36
C ILE A 318 9.58 -0.90 -30.97
N THR A 319 8.48 -0.14 -30.97
CA THR A 319 7.78 0.16 -29.71
C THR A 319 7.35 -1.11 -29.01
N TYR A 320 6.76 -2.02 -29.78
CA TYR A 320 6.22 -3.26 -29.21
C TYR A 320 7.33 -4.26 -28.85
N GLN A 321 8.45 -4.21 -29.59
CA GLN A 321 9.63 -5.00 -29.21
C GLN A 321 10.18 -4.51 -27.88
N PHE A 322 10.31 -3.19 -27.74
CA PHE A 322 10.71 -2.56 -26.49
C PHE A 322 9.81 -3.02 -25.34
N VAL A 323 8.50 -2.85 -25.51
CA VAL A 323 7.55 -3.19 -24.45
C VAL A 323 7.66 -4.67 -24.09
N GLU A 324 7.78 -5.53 -25.11
CA GLU A 324 7.92 -6.96 -24.85
C GLU A 324 9.18 -7.31 -24.05
N ASP A 325 10.30 -6.67 -24.39
CA ASP A 325 11.53 -6.91 -23.65
C ASP A 325 11.40 -6.49 -22.19
N VAL A 326 10.80 -5.34 -21.96
CA VAL A 326 10.58 -4.84 -20.61
C VAL A 326 9.64 -5.78 -19.83
N ILE A 327 8.51 -6.12 -20.45
CA ILE A 327 7.56 -7.02 -19.81
C ILE A 327 8.16 -8.41 -19.54
N SER A 328 8.92 -8.94 -20.49
CA SER A 328 9.58 -10.25 -20.29
C SER A 328 10.47 -10.23 -19.04
N GLU A 329 11.29 -9.19 -18.92
CA GLU A 329 12.24 -9.12 -17.81
C GLU A 329 11.55 -8.86 -16.47
N LEU A 330 10.56 -7.99 -16.49
CA LEU A 330 9.84 -7.65 -15.27
C LEU A 330 8.99 -8.83 -14.81
N ALA A 331 8.30 -9.50 -15.74
CA ALA A 331 7.51 -10.68 -15.39
C ALA A 331 8.38 -11.75 -14.72
N ALA A 332 9.62 -11.90 -15.20
CA ALA A 332 10.53 -12.92 -14.67
C ALA A 332 10.88 -12.70 -13.20
N ILE A 333 10.77 -11.46 -12.73
CA ILE A 333 11.19 -11.11 -11.37
C ILE A 333 10.05 -10.62 -10.48
N SER A 334 8.83 -10.62 -11.02
CA SER A 334 7.67 -10.09 -10.30
C SER A 334 6.58 -11.17 -10.19
N PRO A 335 6.47 -11.82 -9.02
CA PRO A 335 5.51 -12.94 -8.89
C PRO A 335 4.03 -12.57 -8.91
N SER A 336 3.69 -11.31 -8.61
CA SER A 336 2.28 -10.90 -8.72
C SER A 336 1.69 -11.30 -10.07
N PRO A 337 0.44 -11.81 -10.09
CA PRO A 337 -0.22 -12.05 -11.37
C PRO A 337 -0.51 -10.79 -12.18
N TYR A 338 -0.28 -9.60 -11.60
CA TYR A 338 -0.59 -8.34 -12.27
C TYR A 338 0.64 -7.53 -12.63
N ILE A 339 0.57 -6.88 -13.79
CA ILE A 339 1.52 -5.81 -14.14
C ILE A 339 0.67 -4.58 -14.45
N HIS A 340 1.10 -3.43 -13.93
CA HIS A 340 0.39 -2.19 -14.18
C HIS A 340 1.07 -1.52 -15.37
N LEU A 341 0.30 -1.24 -16.42
CA LEU A 341 0.88 -0.61 -17.62
C LEU A 341 0.49 0.87 -17.75
N GLY A 342 -0.02 1.44 -16.67
CA GLY A 342 -0.30 2.88 -16.66
C GLY A 342 -1.46 3.26 -17.55
N GLY A 343 -1.22 4.17 -18.48
CA GLY A 343 -2.26 4.58 -19.45
C GLY A 343 -2.89 5.94 -19.16
N ASP A 344 -2.32 6.68 -18.22
CA ASP A 344 -2.85 8.00 -17.83
C ASP A 344 -2.23 9.11 -18.67
N GLU A 345 -3.02 10.18 -18.90
CA GLU A 345 -2.49 11.42 -19.49
C GLU A 345 -1.69 11.20 -20.77
N SER A 346 -2.21 10.33 -21.64
CA SER A 346 -1.59 10.10 -22.94
C SER A 346 -2.03 11.16 -23.94
N ASN A 347 -1.79 12.43 -23.58
CA ASN A 347 -2.35 13.55 -24.34
C ASN A 347 -1.65 13.82 -25.67
N ALA A 348 -0.52 13.14 -25.89
CA ALA A 348 0.18 13.20 -27.16
C ALA A 348 -0.08 11.94 -28.00
N THR A 349 -1.09 11.18 -27.58
CA THR A 349 -1.50 9.95 -28.28
C THR A 349 -2.97 10.12 -28.69
N SER A 350 -3.28 9.89 -29.97
CA SER A 350 -4.66 10.00 -30.43
C SER A 350 -5.53 8.91 -29.80
N ALA A 351 -6.84 9.15 -29.73
CA ALA A 351 -7.77 8.15 -29.19
C ALA A 351 -7.64 6.81 -29.92
N ALA A 352 -7.57 6.86 -31.25
CA ALA A 352 -7.46 5.64 -32.05
C ALA A 352 -6.16 4.89 -31.74
N ASP A 353 -5.06 5.63 -31.65
CA ASP A 353 -3.75 5.03 -31.38
C ASP A 353 -3.65 4.49 -29.96
N TYR A 354 -4.30 5.17 -29.02
CA TYR A 354 -4.33 4.71 -27.63
C TYR A 354 -5.08 3.39 -27.50
N ASP A 355 -6.24 3.31 -28.15
CA ASP A 355 -7.05 2.11 -28.15
C ASP A 355 -6.21 0.94 -28.65
N TYR A 356 -5.54 1.17 -29.78
CA TYR A 356 -4.73 0.15 -30.44
C TYR A 356 -3.52 -0.23 -29.59
N PHE A 357 -2.80 0.79 -29.12
CA PHE A 357 -1.60 0.57 -28.32
C PHE A 357 -1.91 -0.24 -27.07
N PHE A 358 -2.93 0.17 -26.32
CA PHE A 358 -3.20 -0.49 -25.06
C PHE A 358 -3.65 -1.94 -25.25
N GLY A 359 -4.38 -2.20 -26.33
CA GLY A 359 -4.74 -3.57 -26.67
C GLY A 359 -3.53 -4.42 -27.01
N ARG A 360 -2.61 -3.86 -27.80
CA ARG A 360 -1.39 -4.58 -28.14
C ARG A 360 -0.53 -4.91 -26.94
N VAL A 361 -0.38 -3.98 -26.02
CA VAL A 361 0.49 -4.24 -24.87
C VAL A 361 -0.19 -5.19 -23.87
N THR A 362 -1.52 -5.15 -23.83
CA THR A 362 -2.27 -6.11 -23.00
C THR A 362 -2.04 -7.53 -23.52
N ALA A 363 -2.09 -7.71 -24.85
CA ALA A 363 -1.80 -9.03 -25.44
C ALA A 363 -0.38 -9.49 -25.07
N ILE A 364 0.60 -8.59 -25.13
CA ILE A 364 1.98 -8.95 -24.75
C ILE A 364 2.02 -9.40 -23.28
N ALA A 365 1.48 -8.59 -22.39
CA ALA A 365 1.47 -8.93 -20.95
C ALA A 365 0.82 -10.29 -20.70
N ASN A 366 -0.33 -10.52 -21.32
CA ASN A 366 -1.05 -11.78 -21.17
C ASN A 366 -0.22 -12.97 -21.66
N SER A 367 0.53 -12.75 -22.75
CA SER A 367 1.38 -13.82 -23.30
C SER A 367 2.52 -14.20 -22.34
N TYR A 368 2.88 -13.27 -21.45
CA TYR A 368 3.88 -13.54 -20.40
C TYR A 368 3.23 -13.90 -19.06
N GLY A 369 1.94 -14.26 -19.13
CA GLY A 369 1.23 -14.77 -17.96
C GLY A 369 0.76 -13.74 -16.95
N LYS A 370 0.74 -12.46 -17.37
CA LYS A 370 0.33 -11.37 -16.48
C LYS A 370 -0.96 -10.70 -16.93
N LYS A 371 -1.82 -10.41 -15.96
CA LYS A 371 -3.02 -9.61 -16.16
C LYS A 371 -2.65 -8.14 -16.04
N VAL A 372 -3.37 -7.29 -16.76
CA VAL A 372 -3.02 -5.86 -16.82
C VAL A 372 -3.89 -4.99 -15.94
N VAL A 373 -3.24 -4.13 -15.14
CA VAL A 373 -3.90 -3.02 -14.46
C VAL A 373 -3.57 -1.76 -15.24
N GLY A 374 -4.53 -0.84 -15.35
CA GLY A 374 -4.26 0.43 -16.02
C GLY A 374 -5.13 1.55 -15.47
N TRP A 375 -4.61 2.77 -15.51
CA TRP A 375 -5.36 3.96 -15.09
C TRP A 375 -6.50 4.18 -16.09
N ASP A 376 -7.62 4.76 -15.66
CA ASP A 376 -8.59 5.22 -16.67
C ASP A 376 -7.89 6.22 -17.62
N PRO A 377 -8.24 6.21 -18.92
CA PRO A 377 -9.30 5.49 -19.61
C PRO A 377 -8.88 4.15 -20.24
N SER A 378 -7.90 3.45 -19.65
CA SER A 378 -7.37 2.24 -20.30
C SER A 378 -8.42 1.12 -20.48
N ASP A 379 -9.46 1.14 -19.65
CA ASP A 379 -10.53 0.14 -19.75
C ASP A 379 -11.29 0.23 -21.07
N THR A 380 -11.23 1.39 -21.70
CA THR A 380 -11.93 1.58 -22.98
C THR A 380 -11.23 0.90 -24.16
N SER A 381 -10.01 0.40 -23.94
CA SER A 381 -9.31 -0.23 -25.05
C SER A 381 -10.04 -1.48 -25.51
N SER A 382 -10.22 -1.60 -26.83
CA SER A 382 -10.90 -2.78 -27.38
C SER A 382 -10.14 -4.07 -27.12
N GLY A 383 -8.86 -3.95 -26.73
CA GLY A 383 -8.03 -5.10 -26.42
C GLY A 383 -8.03 -5.54 -24.95
N ALA A 384 -8.76 -4.80 -24.11
CA ALA A 384 -8.91 -5.20 -22.71
C ALA A 384 -9.67 -6.53 -22.62
N THR A 385 -9.49 -7.26 -21.52
CA THR A 385 -10.30 -8.46 -21.25
C THR A 385 -10.95 -8.26 -19.90
N SER A 386 -11.88 -9.16 -19.54
CA SER A 386 -12.52 -9.09 -18.22
C SER A 386 -11.54 -9.37 -17.09
N ASP A 387 -10.34 -9.88 -17.41
CA ASP A 387 -9.29 -10.09 -16.41
C ASP A 387 -8.46 -8.82 -16.17
N SER A 388 -8.54 -7.86 -17.09
CA SER A 388 -7.85 -6.58 -16.87
C SER A 388 -8.51 -5.84 -15.70
N VAL A 389 -7.76 -4.95 -15.07
CA VAL A 389 -8.27 -4.20 -13.92
C VAL A 389 -8.17 -2.71 -14.23
N LEU A 390 -9.20 -1.97 -13.84
CA LEU A 390 -9.19 -0.51 -13.98
C LEU A 390 -8.82 0.12 -12.66
N GLN A 391 -7.81 0.99 -12.69
CA GLN A 391 -7.58 1.88 -11.56
C GLN A 391 -8.25 3.21 -11.91
N ASN A 392 -9.38 3.44 -11.25
CA ASN A 392 -10.24 4.58 -11.51
C ASN A 392 -9.76 5.72 -10.63
N TRP A 393 -9.02 6.64 -11.24
CA TRP A 393 -8.56 7.85 -10.52
C TRP A 393 -9.46 9.06 -10.80
N THR A 394 -10.03 9.13 -11.99
CA THR A 394 -10.85 10.27 -12.36
C THR A 394 -12.15 10.37 -11.53
N CYS A 395 -12.81 9.22 -11.34
CA CYS A 395 -14.00 9.11 -10.49
C CYS A 395 -15.11 10.07 -10.92
N SER A 396 -15.33 10.14 -12.22
CA SER A 396 -16.43 10.92 -12.77
C SER A 396 -17.58 9.98 -13.17
N ALA A 397 -18.74 10.55 -13.49
CA ALA A 397 -19.93 9.75 -13.76
C ALA A 397 -19.73 8.70 -14.86
N SER A 398 -18.91 9.03 -15.84
CA SER A 398 -18.70 8.16 -17.01
C SER A 398 -17.47 7.25 -16.88
N THR A 399 -16.59 7.54 -15.93
CA THR A 399 -15.38 6.75 -15.79
C THR A 399 -15.73 5.29 -15.49
N GLY A 400 -15.08 4.35 -16.17
CA GLY A 400 -15.29 2.93 -15.90
C GLY A 400 -16.57 2.34 -16.46
N THR A 401 -17.23 3.08 -17.36
CA THR A 401 -18.37 2.54 -18.09
C THR A 401 -17.95 1.28 -18.83
N ALA A 402 -16.81 1.35 -19.51
CA ALA A 402 -16.26 0.19 -20.24
C ALA A 402 -15.92 -0.95 -19.27
N ALA A 403 -15.17 -0.63 -18.21
CA ALA A 403 -14.83 -1.64 -17.22
C ALA A 403 -16.08 -2.37 -16.72
N LYS A 404 -17.12 -1.61 -16.38
CA LYS A 404 -18.35 -2.23 -15.86
C LYS A 404 -18.98 -3.18 -16.89
N ALA A 405 -19.09 -2.72 -18.13
CA ALA A 405 -19.66 -3.51 -19.22
C ALA A 405 -18.87 -4.79 -19.48
N LYS A 406 -17.56 -4.71 -19.30
CA LYS A 406 -16.65 -5.83 -19.56
C LYS A 406 -16.43 -6.74 -18.36
N GLY A 407 -17.02 -6.40 -17.22
CA GLY A 407 -16.85 -7.17 -16.00
C GLY A 407 -15.48 -7.07 -15.37
N MET A 408 -14.79 -5.96 -15.62
CA MET A 408 -13.47 -5.72 -15.03
C MET A 408 -13.57 -5.23 -13.59
N LYS A 409 -12.74 -5.79 -12.71
CA LYS A 409 -12.57 -5.28 -11.35
C LYS A 409 -12.08 -3.84 -11.39
N VAL A 410 -12.49 -3.06 -10.39
CA VAL A 410 -12.10 -1.65 -10.29
C VAL A 410 -11.44 -1.34 -8.95
N ILE A 411 -10.27 -0.70 -9.01
CA ILE A 411 -9.59 -0.16 -7.84
C ILE A 411 -9.82 1.34 -7.86
N VAL A 412 -10.33 1.91 -6.77
CA VAL A 412 -10.64 3.34 -6.76
C VAL A 412 -9.55 4.16 -6.08
N SER A 413 -9.24 5.31 -6.71
CA SER A 413 -8.28 6.27 -6.17
C SER A 413 -8.83 7.68 -6.38
N PRO A 414 -9.87 8.06 -5.59
CA PRO A 414 -10.47 9.39 -5.71
C PRO A 414 -9.55 10.46 -5.14
N ALA A 415 -10.00 11.71 -5.19
CA ALA A 415 -9.27 12.81 -4.55
C ALA A 415 -8.89 12.46 -3.11
N ASN A 416 -9.81 11.80 -2.41
CA ASN A 416 -9.63 11.45 -0.99
C ASN A 416 -8.51 10.46 -0.74
N ALA A 417 -8.01 9.85 -1.83
CA ALA A 417 -6.94 8.86 -1.78
C ALA A 417 -5.64 9.39 -2.41
N TYR A 418 -5.69 10.62 -2.93
CA TYR A 418 -4.51 11.28 -3.51
C TYR A 418 -3.76 11.97 -2.37
N LEU A 419 -2.92 11.20 -1.70
CA LEU A 419 -2.35 11.63 -0.44
C LEU A 419 -1.21 12.64 -0.62
N ASP A 420 -0.81 12.86 -1.88
CA ASP A 420 0.15 13.93 -2.20
C ASP A 420 -0.48 15.32 -2.20
N MET A 421 -1.81 15.41 -2.10
CA MET A 421 -2.45 16.73 -1.98
C MET A 421 -2.09 17.36 -0.63
N LYS A 422 -1.83 18.66 -0.66
CA LYS A 422 -1.66 19.45 0.56
C LYS A 422 -2.79 19.15 1.55
N TYR A 423 -2.47 19.09 2.85
CA TYR A 423 -3.51 19.05 3.87
C TYR A 423 -4.36 20.31 3.83
N TYR A 424 -3.68 21.46 3.66
CA TYR A 424 -4.32 22.78 3.72
C TYR A 424 -3.65 23.70 2.72
N SER A 425 -4.32 24.82 2.45
CA SER A 425 -3.75 25.86 1.59
C SER A 425 -2.28 26.17 1.88
N ASP A 426 -1.92 26.18 3.16
CA ASP A 426 -0.58 26.59 3.57
C ASP A 426 0.41 25.43 3.80
N SER A 427 0.06 24.23 3.36
CA SER A 427 1.02 23.10 3.50
C SER A 427 2.33 23.42 2.78
N PRO A 428 3.47 23.09 3.41
CA PRO A 428 4.78 23.43 2.83
C PRO A 428 5.23 22.51 1.69
N ILE A 429 4.54 21.38 1.54
CA ILE A 429 4.78 20.43 0.44
C ILE A 429 3.42 19.93 -0.03
N GLY A 430 3.42 19.29 -1.21
CA GLY A 430 2.20 18.74 -1.77
C GLY A 430 1.71 19.48 -3.01
N LEU A 431 0.82 18.84 -3.76
CA LEU A 431 0.15 19.49 -4.87
C LEU A 431 -1.28 19.83 -4.47
N GLN A 432 -2.06 20.40 -5.39
CA GLN A 432 -3.40 20.84 -5.03
C GLN A 432 -4.36 20.79 -6.19
N TRP A 433 -4.04 19.98 -7.22
CA TRP A 433 -4.92 19.92 -8.40
C TRP A 433 -6.20 19.09 -8.17
N ARG A 434 -6.28 18.36 -7.05
CA ARG A 434 -7.53 17.74 -6.60
C ARG A 434 -8.05 18.45 -5.34
N GLY A 435 -7.58 19.67 -5.11
CA GLY A 435 -7.93 20.41 -3.91
C GLY A 435 -7.05 19.97 -2.75
N PHE A 436 -7.50 20.29 -1.53
CA PHE A 436 -6.76 19.91 -0.33
C PHE A 436 -7.35 18.64 0.26
N VAL A 437 -6.49 17.80 0.83
CA VAL A 437 -6.97 16.56 1.42
C VAL A 437 -6.41 16.44 2.84
N ASN A 438 -7.20 16.85 3.83
CA ASN A 438 -6.77 16.70 5.21
C ASN A 438 -7.18 15.32 5.73
N THR A 439 -6.90 15.05 7.01
CA THR A 439 -7.13 13.73 7.57
C THR A 439 -8.62 13.37 7.57
N ASN A 440 -9.47 14.38 7.75
CA ASN A 440 -10.92 14.19 7.69
C ASN A 440 -11.40 13.84 6.27
N ARG A 441 -10.92 14.58 5.27
CA ARG A 441 -11.31 14.30 3.89
C ARG A 441 -10.81 12.91 3.48
N ALA A 442 -9.65 12.51 3.99
CA ALA A 442 -9.09 11.20 3.68
C ALA A 442 -9.90 10.06 4.31
N TYR A 443 -10.77 10.41 5.27
CA TYR A 443 -11.65 9.44 5.95
C TYR A 443 -13.10 9.42 5.46
N ASN A 444 -13.64 10.62 5.19
CA ASN A 444 -15.07 10.78 4.95
C ASN A 444 -15.47 10.55 3.51
N TRP A 445 -15.37 9.29 3.09
CA TRP A 445 -15.78 8.86 1.76
C TRP A 445 -15.98 7.36 1.78
N ASP A 446 -16.57 6.84 0.70
CA ASP A 446 -16.75 5.41 0.53
C ASP A 446 -16.43 5.07 -0.92
N PRO A 447 -15.84 3.88 -1.18
CA PRO A 447 -15.54 3.52 -2.56
C PRO A 447 -16.73 3.58 -3.50
N THR A 448 -17.92 3.25 -3.00
CA THR A 448 -19.15 3.31 -3.80
C THR A 448 -19.52 4.76 -4.18
N ASP A 449 -18.92 5.76 -3.51
CA ASP A 449 -19.05 7.16 -3.93
C ASP A 449 -18.43 7.40 -5.30
N CYS A 450 -17.34 6.70 -5.58
CA CYS A 450 -16.47 6.97 -6.71
C CYS A 450 -17.05 6.42 -8.01
N ILE A 451 -17.63 5.23 -7.90
CA ILE A 451 -18.21 4.54 -9.06
C ILE A 451 -19.39 3.69 -8.60
N LYS A 452 -20.47 3.74 -9.36
CA LYS A 452 -21.67 2.95 -9.08
C LYS A 452 -21.77 1.81 -10.06
N GLY A 453 -22.31 0.68 -9.62
CA GLY A 453 -22.61 -0.46 -10.47
C GLY A 453 -21.39 -1.26 -10.90
N ALA A 454 -20.29 -1.10 -10.15
CA ALA A 454 -19.05 -1.80 -10.46
C ALA A 454 -18.71 -2.92 -9.46
N ASN A 455 -17.83 -3.81 -9.90
CA ASN A 455 -17.18 -4.77 -9.02
C ASN A 455 -15.97 -4.03 -8.45
N ILE A 456 -16.14 -3.48 -7.25
CA ILE A 456 -15.05 -2.73 -6.62
C ILE A 456 -14.12 -3.67 -5.87
N TYR A 457 -12.93 -3.83 -6.43
CA TYR A 457 -11.87 -4.69 -5.89
C TYR A 457 -11.32 -4.06 -4.60
N GLY A 458 -11.19 -2.74 -4.59
CA GLY A 458 -10.77 -2.03 -3.38
C GLY A 458 -10.28 -0.63 -3.65
N VAL A 459 -9.34 -0.20 -2.81
CA VAL A 459 -8.90 1.18 -2.71
C VAL A 459 -7.39 1.22 -2.89
N GLU A 460 -6.88 2.26 -3.54
CA GLU A 460 -5.44 2.51 -3.51
C GLU A 460 -5.10 3.97 -3.25
N SER A 461 -4.34 4.19 -2.18
CA SER A 461 -3.81 5.51 -1.81
C SER A 461 -2.62 5.75 -2.72
N THR A 462 -2.58 6.90 -3.38
CA THR A 462 -1.46 7.20 -4.28
C THR A 462 -0.59 8.33 -3.74
N LEU A 463 0.70 8.08 -3.59
CA LEU A 463 1.63 9.12 -3.18
C LEU A 463 2.58 9.50 -4.32
N TRP A 464 2.15 10.45 -5.14
CA TRP A 464 3.00 11.04 -6.19
C TRP A 464 4.08 11.89 -5.52
N THR A 465 5.23 12.03 -6.19
CA THR A 465 6.36 12.64 -5.48
C THR A 465 6.97 13.87 -6.16
N GLU A 466 6.20 14.60 -6.96
CA GLU A 466 6.71 15.84 -7.56
C GLU A 466 7.39 16.76 -6.54
N THR A 467 6.83 16.82 -5.34
CA THR A 467 7.30 17.80 -4.34
C THR A 467 7.88 17.14 -3.07
N PHE A 468 8.05 15.81 -3.09
CA PHE A 468 8.60 15.10 -1.93
C PHE A 468 9.99 14.58 -2.26
N VAL A 469 10.97 15.00 -1.45
CA VAL A 469 12.38 14.70 -1.70
C VAL A 469 12.94 13.76 -0.65
N THR A 470 12.48 13.93 0.58
CA THR A 470 13.05 13.22 1.72
C THR A 470 12.07 12.23 2.34
N GLN A 471 12.60 11.29 3.12
CA GLN A 471 11.76 10.38 3.89
C GLN A 471 10.80 11.16 4.80
N ASP A 472 11.29 12.21 5.44
CA ASP A 472 10.43 13.03 6.29
C ASP A 472 9.21 13.55 5.51
N HIS A 473 9.41 13.92 4.24
CA HIS A 473 8.28 14.39 3.41
C HIS A 473 7.24 13.30 3.22
N LEU A 474 7.71 12.09 2.93
CA LEU A 474 6.78 10.95 2.78
C LEU A 474 5.98 10.75 4.05
N ASP A 475 6.67 10.72 5.20
CA ASP A 475 6.01 10.50 6.49
C ASP A 475 4.94 11.53 6.77
N TYR A 476 5.28 12.80 6.49
CA TYR A 476 4.40 13.93 6.77
C TYR A 476 3.08 13.79 6.01
N MET A 477 3.16 13.34 4.75
CA MET A 477 1.97 13.29 3.92
C MET A 477 1.19 11.98 4.08
N LEU A 478 1.89 10.89 4.36
CA LEU A 478 1.23 9.61 4.54
C LEU A 478 0.64 9.42 5.93
N TYR A 479 1.15 10.16 6.92
CA TYR A 479 0.69 9.98 8.29
C TYR A 479 0.28 11.33 8.86
N PRO A 480 -0.99 11.46 9.28
CA PRO A 480 -1.99 10.38 9.41
C PRO A 480 -2.91 10.03 8.23
N LYS A 481 -2.75 10.64 7.05
CA LYS A 481 -3.71 10.44 5.95
C LYS A 481 -3.95 8.98 5.57
N LEU A 482 -2.88 8.20 5.48
CA LEU A 482 -2.99 6.78 5.12
C LEU A 482 -3.82 5.99 6.12
N LEU A 483 -3.80 6.39 7.39
CA LEU A 483 -4.60 5.71 8.41
C LEU A 483 -6.08 5.83 8.08
N SER A 484 -6.47 7.03 7.61
CA SER A 484 -7.85 7.25 7.19
C SER A 484 -8.22 6.35 6.03
N ASN A 485 -7.41 6.35 4.98
CA ASN A 485 -7.64 5.50 3.82
C ASN A 485 -7.65 4.01 4.19
N ALA A 486 -6.73 3.60 5.07
CA ALA A 486 -6.66 2.20 5.51
C ALA A 486 -7.95 1.74 6.17
N GLU A 487 -8.57 2.63 6.95
CA GLU A 487 -9.83 2.29 7.59
C GLU A 487 -10.97 2.24 6.58
N VAL A 488 -10.95 3.16 5.60
CA VAL A 488 -11.96 3.09 4.53
C VAL A 488 -11.90 1.75 3.77
N GLY A 489 -10.70 1.21 3.60
CA GLY A 489 -10.54 -0.07 2.90
C GLY A 489 -10.95 -1.29 3.74
N TRP A 490 -10.68 -1.22 5.04
CA TRP A 490 -10.87 -2.37 5.93
C TRP A 490 -12.24 -2.41 6.61
N THR A 491 -12.63 -1.30 7.22
CA THR A 491 -13.81 -1.25 8.09
C THR A 491 -15.07 -1.00 7.26
N ALA A 492 -16.14 -1.73 7.55
CA ALA A 492 -17.41 -1.56 6.84
C ALA A 492 -17.95 -0.15 7.00
N ARG A 493 -18.60 0.36 5.94
CA ARG A 493 -19.11 1.74 5.95
C ARG A 493 -20.00 2.02 7.15
N GLY A 494 -20.82 1.04 7.51
CA GLY A 494 -21.76 1.17 8.63
C GLY A 494 -21.10 1.40 9.97
N ASP A 495 -19.82 1.02 10.08
CA ASP A 495 -19.09 1.18 11.34
C ASP A 495 -18.05 2.29 11.31
N ARG A 496 -18.04 3.07 10.22
CA ARG A 496 -17.12 4.19 10.11
C ARG A 496 -17.81 5.49 10.51
N ASN A 497 -17.12 6.27 11.32
CA ASN A 497 -17.67 7.50 11.86
C ASN A 497 -16.49 8.39 12.20
N TRP A 498 -16.45 9.60 11.61
CA TRP A 498 -15.30 10.49 11.80
C TRP A 498 -15.04 10.85 13.27
N ASP A 499 -16.12 11.18 14.00
CA ASP A 499 -15.97 11.56 15.41
C ASP A 499 -15.30 10.43 16.21
N ASP A 500 -15.69 9.20 15.90
CA ASP A 500 -15.07 8.02 16.51
C ASP A 500 -13.60 7.90 16.10
N PHE A 501 -13.35 7.91 14.80
CA PHE A 501 -11.99 7.75 14.28
C PHE A 501 -11.05 8.84 14.79
N LYS A 502 -11.54 10.08 14.82
CA LYS A 502 -10.73 11.21 15.27
C LYS A 502 -10.24 10.97 16.69
N GLU A 503 -11.15 10.56 17.58
CA GLU A 503 -10.75 10.35 18.97
C GLU A 503 -9.77 9.17 19.07
N ARG A 504 -10.04 8.09 18.34
CA ARG A 504 -9.11 6.97 18.25
C ARG A 504 -7.72 7.39 17.74
N LEU A 505 -7.71 8.30 16.77
CA LEU A 505 -6.44 8.77 16.21
C LEU A 505 -5.63 9.58 17.22
N ILE A 506 -6.31 10.42 18.00
CA ILE A 506 -5.67 11.15 19.09
C ILE A 506 -4.97 10.16 20.02
N GLU A 507 -5.70 9.11 20.42
CA GLU A 507 -5.16 8.08 21.30
C GLU A 507 -3.95 7.38 20.68
N HIS A 508 -3.98 7.26 19.37
CA HIS A 508 -2.95 6.52 18.63
C HIS A 508 -1.66 7.31 18.45
N THR A 509 -1.73 8.62 18.63
CA THR A 509 -0.59 9.52 18.33
C THR A 509 0.75 9.08 18.93
N PRO A 510 0.78 8.73 20.23
CA PRO A 510 2.09 8.30 20.78
C PRO A 510 2.71 7.13 20.01
N ARG A 511 1.86 6.28 19.43
CA ARG A 511 2.36 5.13 18.69
C ARG A 511 3.09 5.56 17.41
N LEU A 512 2.54 6.57 16.73
CA LEU A 512 3.21 7.16 15.56
C LEU A 512 4.58 7.73 15.94
N GLN A 513 4.60 8.48 17.04
CA GLN A 513 5.84 9.03 17.59
C GLN A 513 6.84 7.91 17.87
N ASN A 514 6.37 6.86 18.54
CA ASN A 514 7.23 5.74 18.93
C ASN A 514 7.86 5.01 17.76
N LYS A 515 7.12 4.97 16.64
CA LYS A 515 7.61 4.35 15.40
C LYS A 515 8.62 5.22 14.65
N GLY A 516 8.83 6.45 15.12
CA GLY A 516 9.72 7.37 14.43
C GLY A 516 9.12 7.97 13.17
N ILE A 517 7.78 7.95 13.08
CA ILE A 517 7.09 8.53 11.92
C ILE A 517 7.03 10.05 12.10
N LYS A 518 7.52 10.78 11.10
CA LYS A 518 7.51 12.24 11.17
C LYS A 518 6.18 12.76 10.59
N PHE A 519 5.11 12.39 11.28
CA PHE A 519 3.74 12.71 10.86
C PHE A 519 3.42 14.20 10.97
N PHE A 520 2.35 14.62 10.30
CA PHE A 520 1.83 15.97 10.45
C PHE A 520 0.77 15.96 11.55
N ALA A 521 0.93 16.86 12.53
CA ALA A 521 -0.06 17.02 13.60
C ALA A 521 -1.25 17.83 13.07
N ASP A 522 -2.19 17.14 12.42
CA ASP A 522 -3.26 17.81 11.69
C ASP A 522 -4.18 18.52 12.67
N PRO A 523 -4.36 19.85 12.53
CA PRO A 523 -5.23 20.60 13.43
C PRO A 523 -6.71 20.22 13.43
N ILE A 524 -7.15 19.37 12.50
CA ILE A 524 -8.53 18.87 12.51
C ILE A 524 -8.69 17.64 13.43
N VAL A 525 -7.58 17.15 13.96
CA VAL A 525 -7.59 16.02 14.89
C VAL A 525 -7.33 16.53 16.31
#